data_5Z5F
#
_entry.id   5Z5F
#
_cell.length_a   59.989
_cell.length_b   59.989
_cell.length_c   278.987
_cell.angle_alpha   90.000
_cell.angle_beta   90.000
_cell.angle_gamma   90.000
#
_symmetry.space_group_name_H-M   'P 43 21 2'
#
loop_
_entity.id
_entity.type
_entity.pdbx_description
1 polymer Beta-xylosidase
2 non-polymer 'CALCIUM ION'
3 non-polymer beta-L-arabinofuranose
4 water water
#
_entity_poly.entity_id   1
_entity_poly.type   'polypeptide(L)'
_entity_poly.pdbx_seq_one_letter_code
;MEYSNPVIKGFYPDPSICRVGSDYYLVTSSFQYFPGVPIFHSTNLINWNKIGYCLIRPSQLMLNNATNRSGIFAPTLRYH
EGIFYLITTNVTLKKNFIVMSEDLQGEWSEPIWIDGWGGIDPSLFFDNDGKVYITGTNDNARGEELGIYQAEIDLKKGSI
IGERKLIWKGTGGSYPEAPHLYKVNGWYYLLIAEGGTEYGHMVTVARSKYPFGPFESCPFNPILTHRSTNHPLQAIGHAD
IVQYHDGSWWAVFHGTRPISYPPKHHLGRETCLAPIKWTDDGWPIIGYNGRIDIKMDAGYLPVKEKNIGDEIIEDDFNSD
IFSTDWNFIQNPRLEHYSLKGRPSWLKMRGTEKTLNDINSPTFIGRRQEHFVCNVSTLLEFKPNQDNEEAGLTVYMNEKH
HYEIALTKKNGRINVVLKKTVGDIQVVVNSLEYFSNTIIFSIQANPEEYKFSFVDPNTGQTYLLGTGLTTLLSTEVAGGF
TGVYFGLYATGNGKVCTAPAFFDWFKYIPEIKGELNSKLEGKPIPNPLLGLDSTRTGHHHHHH
;
_entity_poly.pdbx_strand_id   A
#
loop_
_chem_comp.id
_chem_comp.type
_chem_comp.name
_chem_comp.formula
CA non-polymer 'CALCIUM ION' 'Ca 2'
FUB L-saccharide, beta linking beta-L-arabinofuranose 'C5 H10 O5'
#
# COMPACT_ATOMS: atom_id res chain seq x y z
N MET A 1 17.06 -3.51 24.26
CA MET A 1 15.92 -2.68 23.80
C MET A 1 15.10 -3.48 22.79
N GLU A 2 13.85 -3.09 22.59
CA GLU A 2 12.93 -3.80 21.73
C GLU A 2 12.20 -2.86 20.82
N TYR A 3 11.71 -3.39 19.69
CA TYR A 3 10.78 -2.71 18.83
C TYR A 3 9.61 -3.65 18.58
N SER A 4 8.53 -3.10 18.04
CA SER A 4 7.41 -3.87 17.55
C SER A 4 7.31 -3.97 16.02
N ASN A 5 6.99 -5.17 15.56
CA ASN A 5 6.55 -5.38 14.19
C ASN A 5 5.01 -5.32 14.19
N PRO A 6 4.39 -4.82 13.13
CA PRO A 6 5.02 -4.17 12.00
C PRO A 6 5.59 -2.80 12.39
N VAL A 7 6.65 -2.37 11.70
CA VAL A 7 7.26 -1.06 11.94
C VAL A 7 6.52 0.01 11.16
N ILE A 8 5.84 -0.35 10.07
CA ILE A 8 4.91 0.54 9.39
C ILE A 8 3.57 -0.18 9.27
N LYS A 9 2.61 0.28 10.05
CA LYS A 9 1.35 -0.36 10.23
C LYS A 9 0.37 0.02 9.09
N GLY A 10 -0.48 -0.93 8.73
CA GLY A 10 -1.44 -0.77 7.68
C GLY A 10 -0.89 -1.08 6.30
N PHE A 11 -1.64 -0.63 5.30
CA PHE A 11 -1.46 -1.06 3.91
C PHE A 11 -0.16 -0.47 3.27
N TYR A 12 0.95 -1.19 3.50
CA TYR A 12 2.30 -0.75 3.10
C TYR A 12 3.15 -1.95 2.63
N PRO A 13 2.77 -2.53 1.47
CA PRO A 13 3.43 -3.78 1.00
C PRO A 13 4.67 -3.58 0.14
N ASP A 14 5.43 -4.65 0.02
CA ASP A 14 6.54 -4.79 -0.91
C ASP A 14 7.57 -3.70 -0.59
N PRO A 15 8.01 -3.60 0.69
CA PRO A 15 8.93 -2.51 1.08
C PRO A 15 10.32 -2.67 0.46
N SER A 16 10.83 -1.57 -0.07
CA SER A 16 12.19 -1.50 -0.59
C SER A 16 12.85 -0.30 0.09
N ILE A 17 14.08 -0.53 0.54
CA ILE A 17 14.82 0.37 1.41
C ILE A 17 16.15 0.80 0.76
N CYS A 18 16.58 2.02 1.11
CA CYS A 18 17.73 2.67 0.51
C CYS A 18 18.38 3.56 1.57
N ARG A 19 19.64 3.29 1.86
CA ARG A 19 20.45 4.08 2.77
C ARG A 19 21.20 5.17 2.01
N VAL A 20 21.19 6.39 2.56
CA VAL A 20 22.06 7.48 2.09
C VAL A 20 22.70 8.14 3.33
N GLY A 21 23.96 7.81 3.57
CA GLY A 21 24.73 8.34 4.70
C GLY A 21 24.24 7.64 5.94
N SER A 22 23.65 8.41 6.85
CA SER A 22 23.04 7.91 8.08
C SER A 22 21.51 8.07 8.10
N ASP A 23 20.90 8.15 6.92
CA ASP A 23 19.46 8.24 6.77
C ASP A 23 18.96 7.13 5.82
N TYR A 24 17.68 6.77 5.97
CA TYR A 24 17.10 5.61 5.31
C TYR A 24 15.77 6.00 4.71
N TYR A 25 15.53 5.54 3.48
CA TYR A 25 14.34 5.88 2.75
C TYR A 25 13.68 4.59 2.28
N LEU A 26 12.35 4.56 2.25
CA LEU A 26 11.61 3.33 2.00
C LEU A 26 10.29 3.57 1.27
N VAL A 27 10.01 2.70 0.29
CA VAL A 27 8.83 2.81 -0.58
C VAL A 27 7.97 1.54 -0.54
N THR A 28 6.66 1.71 -0.78
CA THR A 28 5.73 0.59 -0.85
C THR A 28 4.84 0.67 -2.09
N SER A 29 4.22 -0.46 -2.44
CA SER A 29 3.30 -0.53 -3.57
C SER A 29 1.94 0.11 -3.19
N SER A 30 1.25 0.64 -4.19
CA SER A 30 -0.03 1.35 -3.98
C SER A 30 -1.21 1.01 -4.93
N PHE A 31 -1.00 0.17 -5.95
CA PHE A 31 -2.08 -0.38 -6.75
C PHE A 31 -2.90 0.73 -7.43
N GLN A 32 -4.19 0.81 -7.15
CA GLN A 32 -5.06 1.77 -7.84
C GLN A 32 -5.15 3.13 -7.13
N TYR A 33 -4.45 3.28 -6.02
CA TYR A 33 -4.54 4.53 -5.27
C TYR A 33 -3.59 5.60 -5.81
N PHE A 34 -4.05 6.85 -5.72
CA PHE A 34 -3.34 8.05 -6.19
C PHE A 34 -3.33 9.09 -5.05
N PRO A 35 -2.21 9.75 -4.77
CA PRO A 35 -0.90 9.52 -5.39
C PRO A 35 -0.31 8.15 -5.07
N GLY A 36 0.65 7.74 -5.87
CA GLY A 36 1.19 6.40 -5.80
C GLY A 36 2.60 6.37 -5.26
N VAL A 37 2.93 5.21 -4.68
CA VAL A 37 4.22 4.91 -4.08
C VAL A 37 4.59 5.86 -2.91
N PRO A 38 4.04 5.61 -1.71
CA PRO A 38 4.49 6.37 -0.54
C PRO A 38 5.97 6.13 -0.27
N ILE A 39 6.61 7.15 0.26
CA ILE A 39 8.01 7.11 0.59
C ILE A 39 8.18 7.62 2.01
N PHE A 40 8.99 6.89 2.80
CA PHE A 40 9.23 7.18 4.20
C PHE A 40 10.73 7.43 4.45
N HIS A 41 11.01 8.12 5.55
CA HIS A 41 12.35 8.40 6.05
C HIS A 41 12.49 7.87 7.48
N SER A 42 13.69 7.44 7.81
CA SER A 42 14.03 7.00 9.16
C SER A 42 15.52 7.23 9.42
N THR A 43 15.89 7.38 10.69
CA THR A 43 17.30 7.32 11.11
C THR A 43 17.66 6.06 11.88
N ASN A 44 16.65 5.27 12.29
CA ASN A 44 16.89 4.08 13.13
C ASN A 44 16.27 2.75 12.61
N LEU A 45 15.68 2.78 11.41
CA LEU A 45 14.99 1.64 10.80
C LEU A 45 13.65 1.21 11.45
N ILE A 46 13.37 1.71 12.65
CA ILE A 46 12.16 1.38 13.37
C ILE A 46 11.06 2.43 13.21
N ASN A 47 11.44 3.70 13.28
CA ASN A 47 10.50 4.81 13.30
C ASN A 47 10.57 5.48 11.93
N TRP A 48 9.44 5.50 11.23
CA TRP A 48 9.40 5.99 9.86
C TRP A 48 8.44 7.16 9.84
N ASN A 49 8.78 8.22 9.11
CA ASN A 49 7.89 9.36 8.90
C ASN A 49 7.62 9.48 7.41
N LYS A 50 6.34 9.61 7.05
CA LYS A 50 5.98 9.65 5.65
C LYS A 50 6.38 10.98 5.07
N ILE A 51 7.14 10.97 4.00
CA ILE A 51 7.56 12.24 3.41
C ILE A 51 6.67 12.68 2.27
N GLY A 52 5.93 11.74 1.67
CA GLY A 52 5.07 12.05 0.57
C GLY A 52 4.91 10.84 -0.34
N TYR A 53 4.79 11.11 -1.63
CA TYR A 53 4.62 10.07 -2.64
C TYR A 53 5.58 10.34 -3.79
N CYS A 54 5.86 9.30 -4.56
CA CYS A 54 6.78 9.38 -5.67
C CYS A 54 6.07 9.69 -6.97
N LEU A 55 4.81 9.24 -7.11
CA LEU A 55 4.06 9.38 -8.35
C LEU A 55 2.83 10.27 -8.10
N ILE A 56 2.96 11.55 -8.48
CA ILE A 56 1.94 12.53 -8.15
C ILE A 56 1.28 13.21 -9.33
N ARG A 57 1.69 12.92 -10.56
CA ARG A 57 1.19 13.60 -11.75
C ARG A 57 0.54 12.52 -12.64
N PRO A 58 -0.54 12.87 -13.37
CA PRO A 58 -1.15 11.90 -14.30
C PRO A 58 -0.19 11.26 -15.31
N SER A 59 0.83 12.01 -15.77
CA SER A 59 1.85 11.48 -16.68
C SER A 59 2.72 10.35 -16.09
N GLN A 60 2.90 10.40 -14.78
CA GLN A 60 3.61 9.37 -14.02
C GLN A 60 2.78 8.14 -13.66
N LEU A 61 1.47 8.29 -13.65
CA LEU A 61 0.62 7.35 -12.96
C LEU A 61 -0.73 7.27 -13.65
N MET A 62 -0.80 6.45 -14.69
CA MET A 62 -2.03 6.32 -15.48
C MET A 62 -2.85 5.17 -14.90
N LEU A 63 -3.94 5.49 -14.24
CA LEU A 63 -4.72 4.50 -13.48
C LEU A 63 -6.11 4.22 -14.04
N ASN A 64 -6.45 4.77 -15.21
CA ASN A 64 -7.72 4.40 -15.83
C ASN A 64 -7.82 2.86 -15.90
N ASN A 65 -8.98 2.32 -15.53
CA ASN A 65 -9.24 0.88 -15.42
C ASN A 65 -8.44 0.11 -14.36
N ALA A 66 -7.73 0.79 -13.48
CA ALA A 66 -6.99 0.11 -12.43
C ALA A 66 -7.96 -0.20 -11.28
N THR A 67 -7.72 -1.33 -10.64
CA THR A 67 -8.48 -1.82 -9.51
C THR A 67 -7.48 -2.27 -8.43
N ASN A 68 -7.97 -2.73 -7.29
CA ASN A 68 -7.11 -3.27 -6.23
C ASN A 68 -6.43 -4.62 -6.61
N ARG A 69 -6.64 -5.11 -7.83
CA ARG A 69 -5.87 -6.23 -8.38
C ARG A 69 -4.79 -5.72 -9.35
N SER A 70 -4.73 -4.43 -9.63
CA SER A 70 -3.85 -3.94 -10.69
C SER A 70 -3.18 -2.60 -10.31
N GLY A 71 -2.95 -1.70 -11.27
CA GLY A 71 -2.18 -0.49 -10.95
C GLY A 71 -0.73 -0.79 -10.60
N ILE A 72 -0.20 -0.08 -9.61
CA ILE A 72 1.22 -0.10 -9.27
C ILE A 72 1.55 -1.25 -8.34
N PHE A 73 2.43 -2.11 -8.80
CA PHE A 73 2.91 -3.27 -8.05
C PHE A 73 4.25 -2.88 -7.36
N ALA A 74 5.04 -3.85 -6.92
CA ALA A 74 6.21 -3.59 -6.06
C ALA A 74 7.15 -2.55 -6.69
N PRO A 75 7.58 -1.53 -5.89
CA PRO A 75 8.62 -0.57 -6.31
C PRO A 75 9.96 -0.83 -5.61
N THR A 76 11.04 -0.51 -6.30
CA THR A 76 12.35 -0.57 -5.74
C THR A 76 13.02 0.83 -5.80
N LEU A 77 13.65 1.20 -4.69
CA LEU A 77 14.29 2.49 -4.52
C LEU A 77 15.82 2.27 -4.40
N ARG A 78 16.59 2.94 -5.26
CA ARG A 78 18.07 2.87 -5.22
C ARG A 78 18.67 4.29 -5.35
N TYR A 79 19.95 4.42 -5.04
CA TYR A 79 20.65 5.70 -5.00
C TYR A 79 22.04 5.50 -5.58
N HIS A 80 22.46 6.40 -6.46
CA HIS A 80 23.79 6.33 -7.04
C HIS A 80 24.25 7.73 -7.36
N GLU A 81 25.32 8.19 -6.68
CA GLU A 81 26.00 9.45 -7.04
C GLU A 81 25.05 10.66 -7.03
N GLY A 82 24.32 10.81 -5.94
CA GLY A 82 23.35 11.91 -5.81
C GLY A 82 21.98 11.74 -6.46
N ILE A 83 21.78 10.66 -7.23
CA ILE A 83 20.48 10.44 -7.91
C ILE A 83 19.74 9.23 -7.32
N PHE A 84 18.49 9.45 -6.89
CA PHE A 84 17.59 8.36 -6.50
C PHE A 84 16.88 7.87 -7.73
N TYR A 85 16.70 6.55 -7.79
CA TYR A 85 15.96 5.87 -8.84
C TYR A 85 14.82 5.06 -8.21
N LEU A 86 13.60 5.23 -8.75
CA LEU A 86 12.42 4.47 -8.32
C LEU A 86 11.97 3.69 -9.54
N ILE A 87 11.99 2.36 -9.43
CA ILE A 87 11.62 1.49 -10.54
C ILE A 87 10.46 0.58 -10.17
N THR A 88 9.44 0.53 -11.01
CA THR A 88 8.23 -0.22 -10.71
C THR A 88 7.47 -0.56 -11.97
N THR A 89 6.34 -1.26 -11.78
CA THR A 89 5.45 -1.73 -12.85
C THR A 89 4.06 -1.12 -12.70
N ASN A 90 3.50 -0.59 -13.79
CA ASN A 90 2.11 -0.26 -13.87
C ASN A 90 1.51 -1.46 -14.59
N VAL A 91 0.93 -2.35 -13.79
CA VAL A 91 0.35 -3.60 -14.30
C VAL A 91 -0.87 -3.37 -15.21
N THR A 92 -1.62 -2.29 -15.00
CA THR A 92 -2.69 -1.93 -15.93
C THR A 92 -2.14 -1.58 -17.32
N LEU A 93 -1.05 -0.85 -17.38
CA LEU A 93 -0.39 -0.60 -18.68
C LEU A 93 0.46 -1.77 -19.14
N LYS A 94 0.81 -2.68 -18.21
CA LYS A 94 1.87 -3.69 -18.42
C LYS A 94 3.18 -3.04 -18.88
N LYS A 95 3.63 -2.03 -18.14
CA LYS A 95 4.88 -1.34 -18.49
C LYS A 95 5.69 -1.18 -17.23
N ASN A 96 6.99 -1.39 -17.36
CA ASN A 96 7.96 -1.02 -16.34
C ASN A 96 8.63 0.29 -16.69
N PHE A 97 8.91 1.09 -15.67
CA PHE A 97 9.48 2.43 -15.83
C PHE A 97 10.23 2.87 -14.60
N ILE A 98 11.11 3.86 -14.80
CA ILE A 98 11.90 4.51 -13.75
C ILE A 98 11.51 5.98 -13.69
N VAL A 99 11.42 6.52 -12.49
CA VAL A 99 11.49 7.96 -12.27
C VAL A 99 12.70 8.29 -11.37
N MET A 100 13.27 9.50 -11.53
CA MET A 100 14.49 9.92 -10.85
C MET A 100 14.28 11.23 -10.10
N SER A 101 15.11 11.43 -9.07
CA SER A 101 15.13 12.63 -8.26
C SER A 101 16.55 12.82 -7.69
N GLU A 102 16.95 14.09 -7.59
CA GLU A 102 18.10 14.51 -6.80
C GLU A 102 17.66 15.13 -5.48
N ASP A 103 16.37 15.21 -5.22
CA ASP A 103 15.92 15.78 -3.97
C ASP A 103 14.55 15.28 -3.61
N LEU A 104 14.49 14.43 -2.59
CA LEU A 104 13.24 13.74 -2.21
C LEU A 104 12.16 14.70 -1.70
N GLN A 105 12.57 15.88 -1.23
CA GLN A 105 11.63 16.93 -0.85
C GLN A 105 10.97 17.59 -2.07
N GLY A 106 11.56 17.44 -3.24
CA GLY A 106 10.94 17.87 -4.48
C GLY A 106 10.20 16.75 -5.19
N GLU A 107 9.83 16.99 -6.44
CA GLU A 107 9.09 16.02 -7.25
C GLU A 107 10.06 15.16 -8.06
N TRP A 108 9.57 14.02 -8.51
CA TRP A 108 10.35 13.11 -9.33
C TRP A 108 10.14 13.45 -10.82
N SER A 109 11.03 12.94 -11.65
CA SER A 109 10.98 13.11 -13.07
C SER A 109 9.74 12.45 -13.73
N GLU A 110 9.57 12.76 -15.02
CA GLU A 110 8.73 12.00 -15.91
C GLU A 110 9.26 10.55 -16.01
N PRO A 111 8.37 9.59 -16.31
CA PRO A 111 8.82 8.21 -16.40
C PRO A 111 9.85 8.01 -17.50
N ILE A 112 10.85 7.18 -17.25
CA ILE A 112 11.72 6.63 -18.31
C ILE A 112 11.20 5.21 -18.54
N TRP A 113 10.58 4.98 -19.69
CA TRP A 113 9.98 3.70 -19.98
C TRP A 113 11.03 2.68 -20.39
N ILE A 114 11.00 1.48 -19.78
CA ILE A 114 11.95 0.42 -20.15
C ILE A 114 11.29 -0.43 -21.24
N ASP A 115 11.54 -0.09 -22.50
CA ASP A 115 10.88 -0.77 -23.62
C ASP A 115 11.31 -2.24 -23.69
N GLY A 116 10.35 -3.14 -23.79
CA GLY A 116 10.64 -4.56 -23.90
C GLY A 116 10.98 -5.31 -22.61
N TRP A 117 11.08 -4.64 -21.47
CA TRP A 117 11.33 -5.30 -20.18
C TRP A 117 9.98 -5.55 -19.51
N GLY A 118 9.49 -6.78 -19.56
CA GLY A 118 8.23 -7.15 -18.90
C GLY A 118 8.40 -7.72 -17.50
N GLY A 119 7.38 -8.45 -17.06
CA GLY A 119 7.32 -9.00 -15.73
C GLY A 119 7.01 -7.92 -14.72
N ILE A 120 7.10 -8.32 -13.47
CA ILE A 120 6.91 -7.43 -12.33
C ILE A 120 8.21 -7.39 -11.52
N ASP A 121 8.13 -6.67 -10.40
CA ASP A 121 9.21 -6.55 -9.42
C ASP A 121 10.57 -6.19 -10.01
N PRO A 122 10.61 -5.16 -10.87
CA PRO A 122 11.93 -4.73 -11.39
C PRO A 122 12.79 -4.13 -10.26
N SER A 123 14.08 -4.35 -10.36
CA SER A 123 15.04 -3.93 -9.35
C SER A 123 16.32 -3.48 -10.03
N LEU A 124 17.07 -2.62 -9.34
CA LEU A 124 18.34 -2.13 -9.83
C LEU A 124 19.46 -2.40 -8.83
N PHE A 125 20.64 -2.67 -9.37
CA PHE A 125 21.83 -2.88 -8.57
C PHE A 125 23.00 -2.16 -9.24
N PHE A 126 23.64 -1.28 -8.48
CA PHE A 126 24.81 -0.51 -8.96
C PHE A 126 26.07 -1.25 -8.48
N ASP A 127 26.73 -1.97 -9.38
CA ASP A 127 27.88 -2.79 -9.05
C ASP A 127 29.14 -1.92 -8.81
N ASN A 128 30.05 -2.42 -7.98
CA ASN A 128 31.23 -1.67 -7.52
C ASN A 128 32.17 -1.27 -8.68
N ASP A 129 32.11 -1.99 -9.79
CA ASP A 129 32.86 -1.66 -11.03
C ASP A 129 32.19 -0.64 -11.96
N GLY A 130 31.04 -0.10 -11.54
CA GLY A 130 30.33 0.87 -12.34
C GLY A 130 29.26 0.31 -13.24
N LYS A 131 29.16 -1.01 -13.43
CA LYS A 131 28.04 -1.55 -14.20
C LYS A 131 26.69 -1.49 -13.42
N VAL A 132 25.58 -1.38 -14.16
CA VAL A 132 24.23 -1.32 -13.60
C VAL A 132 23.39 -2.49 -14.15
N TYR A 133 22.73 -3.21 -13.25
CA TYR A 133 21.91 -4.39 -13.65
C TYR A 133 20.45 -4.23 -13.28
N ILE A 134 19.57 -4.58 -14.22
CA ILE A 134 18.15 -4.65 -13.99
C ILE A 134 17.80 -6.12 -13.84
N THR A 135 17.02 -6.41 -12.82
CA THR A 135 16.58 -7.75 -12.49
C THR A 135 15.07 -7.71 -12.27
N GLY A 136 14.39 -8.78 -12.70
CA GLY A 136 12.93 -8.85 -12.68
C GLY A 136 12.41 -10.28 -12.87
N THR A 137 11.09 -10.41 -13.00
CA THR A 137 10.45 -11.71 -13.18
C THR A 137 10.17 -12.02 -14.64
N ASN A 138 9.71 -13.25 -14.84
CA ASN A 138 9.20 -13.73 -16.11
C ASN A 138 8.09 -12.85 -16.64
N ASP A 139 8.07 -12.70 -17.95
CA ASP A 139 7.09 -11.85 -18.61
C ASP A 139 5.89 -12.70 -19.03
N ASN A 140 4.79 -12.56 -18.29
CA ASN A 140 3.54 -13.26 -18.62
C ASN A 140 2.96 -13.00 -20.00
N ALA A 141 3.19 -11.81 -20.56
CA ALA A 141 2.69 -11.50 -21.91
C ALA A 141 3.48 -12.30 -22.97
N ARG A 142 4.75 -12.55 -22.77
CA ARG A 142 5.50 -13.44 -23.66
C ARG A 142 5.36 -14.92 -23.28
N GLY A 143 4.72 -15.25 -22.18
CA GLY A 143 4.62 -16.65 -21.74
C GLY A 143 5.95 -17.34 -21.45
N GLU A 144 6.86 -16.64 -20.77
CA GLU A 144 8.20 -17.13 -20.40
C GLU A 144 8.18 -18.11 -19.23
N GLU A 145 9.22 -18.94 -19.17
CA GLU A 145 9.49 -19.79 -18.04
C GLU A 145 9.51 -18.97 -16.73
N LEU A 146 8.79 -19.46 -15.70
CA LEU A 146 8.88 -18.90 -14.36
C LEU A 146 10.32 -18.76 -13.90
N GLY A 147 10.64 -17.56 -13.44
CA GLY A 147 11.94 -17.28 -12.86
C GLY A 147 12.38 -15.83 -12.88
N ILE A 148 13.66 -15.66 -12.51
CA ILE A 148 14.31 -14.34 -12.35
C ILE A 148 15.22 -14.05 -13.53
N TYR A 149 15.04 -12.86 -14.11
CA TYR A 149 15.72 -12.45 -15.33
C TYR A 149 16.45 -11.13 -15.09
N GLN A 150 17.52 -10.94 -15.85
CA GLN A 150 18.47 -9.88 -15.60
C GLN A 150 19.15 -9.42 -16.89
N ALA A 151 19.49 -8.13 -16.94
CA ALA A 151 20.34 -7.59 -18.02
C ALA A 151 21.08 -6.41 -17.46
N GLU A 152 22.18 -6.05 -18.12
CA GLU A 152 22.77 -4.74 -17.93
C GLU A 152 21.84 -3.67 -18.52
N ILE A 153 21.86 -2.49 -17.92
CA ILE A 153 20.93 -1.42 -18.32
C ILE A 153 21.66 -0.08 -18.47
N ASP A 154 21.24 0.67 -19.48
CA ASP A 154 21.62 2.08 -19.65
C ASP A 154 20.52 2.95 -19.10
N LEU A 155 20.78 3.58 -17.95
CA LEU A 155 19.76 4.37 -17.23
C LEU A 155 19.32 5.67 -17.91
N LYS A 156 20.13 6.22 -18.82
CA LYS A 156 19.76 7.41 -19.58
C LYS A 156 18.62 7.06 -20.56
N LYS A 157 18.89 6.07 -21.40
CA LYS A 157 18.02 5.71 -22.51
C LYS A 157 16.86 4.83 -22.10
N GLY A 158 16.92 4.25 -20.91
CA GLY A 158 15.94 3.28 -20.51
C GLY A 158 15.96 2.07 -21.42
N SER A 159 17.17 1.63 -21.76
CA SER A 159 17.32 0.50 -22.67
C SER A 159 18.35 -0.47 -22.15
N ILE A 160 18.11 -1.74 -22.48
CA ILE A 160 18.93 -2.87 -22.05
C ILE A 160 20.24 -2.82 -22.82
N ILE A 161 21.32 -3.24 -22.17
CA ILE A 161 22.65 -3.36 -22.75
C ILE A 161 22.92 -4.86 -22.75
N GLY A 162 23.31 -5.37 -23.92
CA GLY A 162 23.42 -6.80 -24.16
C GLY A 162 22.07 -7.51 -24.01
N GLU A 163 22.13 -8.69 -23.40
CA GLU A 163 21.06 -9.68 -23.45
C GLU A 163 20.37 -9.91 -22.09
N ARG A 164 19.06 -10.14 -22.16
CA ARG A 164 18.24 -10.62 -21.04
C ARG A 164 18.46 -12.14 -20.78
N LYS A 165 18.90 -12.49 -19.57
CA LYS A 165 19.16 -13.89 -19.21
C LYS A 165 18.37 -14.34 -17.96
N LEU A 166 17.92 -15.58 -18.00
CA LEU A 166 17.42 -16.28 -16.83
C LEU A 166 18.59 -16.55 -15.91
N ILE A 167 18.52 -16.08 -14.67
CA ILE A 167 19.62 -16.31 -13.73
C ILE A 167 19.29 -17.30 -12.62
N TRP A 168 18.00 -17.47 -12.29
CA TRP A 168 17.59 -18.47 -11.29
C TRP A 168 16.09 -18.76 -11.39
N LYS A 169 15.74 -20.01 -11.23
CA LYS A 169 14.35 -20.45 -11.17
C LYS A 169 13.78 -20.47 -9.73
N GLY A 170 14.65 -20.23 -8.74
CA GLY A 170 14.31 -20.33 -7.34
C GLY A 170 14.34 -21.76 -6.87
N THR A 171 13.92 -22.00 -5.62
CA THR A 171 14.01 -23.34 -5.03
C THR A 171 12.91 -24.28 -5.48
N GLY A 172 11.89 -23.77 -6.14
CA GLY A 172 10.78 -24.60 -6.60
C GLY A 172 9.41 -24.15 -6.07
N GLY A 173 9.37 -23.16 -5.20
CA GLY A 173 8.11 -22.51 -4.84
C GLY A 173 7.46 -21.83 -6.03
N SER A 174 6.18 -21.57 -5.94
CA SER A 174 5.49 -20.77 -6.95
C SER A 174 6.02 -19.32 -7.05
N TYR A 175 5.76 -18.70 -8.19
CA TYR A 175 5.93 -17.26 -8.35
C TYR A 175 7.26 -16.71 -7.79
N PRO A 176 8.40 -17.19 -8.30
CA PRO A 176 9.68 -16.61 -7.90
C PRO A 176 9.70 -15.12 -8.35
N GLU A 177 9.95 -14.23 -7.41
CA GLU A 177 9.66 -12.82 -7.62
C GLU A 177 10.44 -11.99 -6.63
N ALA A 178 10.16 -10.67 -6.61
CA ALA A 178 10.85 -9.74 -5.70
C ALA A 178 12.38 -9.86 -5.74
N PRO A 179 12.99 -10.03 -6.94
CA PRO A 179 14.43 -10.24 -6.93
C PRO A 179 15.22 -8.97 -6.62
N HIS A 180 16.22 -9.09 -5.75
CA HIS A 180 17.24 -8.05 -5.50
C HIS A 180 18.64 -8.69 -5.55
N LEU A 181 19.53 -8.07 -6.33
CA LEU A 181 20.94 -8.48 -6.40
C LEU A 181 21.79 -7.58 -5.49
N TYR A 182 22.64 -8.21 -4.69
CA TYR A 182 23.61 -7.52 -3.83
C TYR A 182 24.99 -8.17 -4.01
N LYS A 183 26.04 -7.42 -3.66
CA LYS A 183 27.40 -7.92 -3.61
C LYS A 183 27.95 -7.65 -2.22
N VAL A 184 28.35 -8.72 -1.50
CA VAL A 184 28.80 -8.60 -0.13
C VAL A 184 29.99 -9.51 0.06
N ASN A 185 31.13 -8.96 0.51
CA ASN A 185 32.36 -9.71 0.75
C ASN A 185 32.77 -10.60 -0.41
N GLY A 186 32.74 -10.09 -1.63
CA GLY A 186 33.17 -10.91 -2.77
C GLY A 186 32.19 -11.93 -3.36
N TRP A 187 30.96 -11.97 -2.84
CA TRP A 187 29.88 -12.81 -3.39
C TRP A 187 28.71 -11.93 -3.85
N TYR A 188 28.11 -12.31 -4.99
CA TYR A 188 26.80 -11.80 -5.37
C TYR A 188 25.72 -12.65 -4.69
N TYR A 189 24.72 -12.01 -4.06
CA TYR A 189 23.55 -12.70 -3.49
C TYR A 189 22.31 -12.27 -4.22
N LEU A 190 21.50 -13.25 -4.64
CA LEU A 190 20.20 -13.06 -5.22
C LEU A 190 19.13 -13.44 -4.19
N LEU A 191 18.43 -12.42 -3.68
CA LEU A 191 17.37 -12.60 -2.70
C LEU A 191 16.02 -12.52 -3.41
N ILE A 192 15.13 -13.47 -3.16
CA ILE A 192 13.83 -13.51 -3.87
C ILE A 192 12.73 -13.91 -2.90
N ALA A 193 11.50 -13.75 -3.37
CA ALA A 193 10.31 -14.31 -2.72
C ALA A 193 9.82 -15.53 -3.52
N GLU A 194 9.29 -16.53 -2.79
CA GLU A 194 8.60 -17.66 -3.39
C GLU A 194 7.32 -17.99 -2.61
N GLY A 195 6.49 -18.80 -3.28
CA GLY A 195 5.31 -19.37 -2.65
C GLY A 195 4.05 -18.54 -2.76
N GLY A 196 4.16 -17.35 -3.33
CA GLY A 196 3.04 -16.43 -3.40
C GLY A 196 2.95 -15.59 -2.15
N THR A 197 2.45 -14.37 -2.32
CA THR A 197 2.32 -13.41 -1.24
C THR A 197 1.15 -13.70 -0.27
N GLU A 198 0.83 -14.97 -0.07
CA GLU A 198 -0.21 -15.38 0.87
C GLU A 198 0.41 -16.38 1.86
N TYR A 199 -0.32 -17.40 2.33
CA TYR A 199 0.18 -18.23 3.46
C TYR A 199 1.40 -19.10 3.17
N GLY A 200 1.77 -19.24 1.89
CA GLY A 200 2.95 -19.95 1.48
C GLY A 200 4.17 -19.08 1.25
N HIS A 201 4.06 -17.78 1.54
CA HIS A 201 5.13 -16.81 1.30
C HIS A 201 6.41 -17.20 2.02
N MET A 202 7.52 -17.12 1.32
CA MET A 202 8.84 -17.30 1.89
C MET A 202 9.90 -16.48 1.19
N VAL A 203 11.01 -16.29 1.90
CA VAL A 203 12.21 -15.68 1.35
C VAL A 203 13.26 -16.76 1.14
N THR A 204 13.84 -16.78 -0.06
CA THR A 204 14.95 -17.67 -0.38
C THR A 204 16.12 -16.86 -0.95
N VAL A 205 17.31 -17.46 -0.86
CA VAL A 205 18.53 -16.80 -1.34
C VAL A 205 19.47 -17.75 -2.09
N ALA A 206 20.19 -17.18 -3.05
CA ALA A 206 21.22 -17.87 -3.79
C ALA A 206 22.46 -17.00 -3.93
N ARG A 207 23.59 -17.60 -4.33
CA ARG A 207 24.84 -16.85 -4.51
C ARG A 207 25.69 -17.33 -5.67
N SER A 208 26.57 -16.44 -6.13
CA SER A 208 27.55 -16.74 -7.17
C SER A 208 28.72 -15.76 -7.11
N LYS A 209 29.85 -16.17 -7.70
CA LYS A 209 30.98 -15.27 -7.90
C LYS A 209 30.75 -14.26 -9.02
N TYR A 210 29.78 -14.53 -9.90
CA TYR A 210 29.47 -13.68 -11.04
C TYR A 210 28.02 -13.18 -10.97
N PRO A 211 27.78 -11.97 -11.50
CA PRO A 211 26.44 -11.36 -11.43
C PRO A 211 25.29 -12.14 -12.12
N PHE A 212 25.63 -12.87 -13.18
CA PHE A 212 24.66 -13.68 -13.93
C PHE A 212 24.76 -15.18 -13.59
N GLY A 213 25.55 -15.53 -12.57
CA GLY A 213 25.59 -16.91 -12.10
C GLY A 213 26.62 -17.81 -12.78
N PRO A 214 26.43 -19.13 -12.76
CA PRO A 214 25.27 -19.81 -12.14
C PRO A 214 25.14 -19.59 -10.63
N PHE A 215 23.88 -19.57 -10.16
CA PHE A 215 23.56 -19.32 -8.76
C PHE A 215 23.36 -20.65 -8.02
N GLU A 216 23.86 -20.70 -6.81
CA GLU A 216 23.75 -21.86 -5.94
C GLU A 216 22.73 -21.52 -4.86
N SER A 217 21.73 -22.39 -4.69
CA SER A 217 20.72 -22.23 -3.66
C SER A 217 21.32 -22.39 -2.27
N CYS A 218 20.93 -21.51 -1.35
CA CYS A 218 21.32 -21.63 0.06
C CYS A 218 20.80 -22.99 0.60
N PRO A 219 21.69 -23.80 1.22
CA PRO A 219 21.26 -25.14 1.63
C PRO A 219 20.23 -25.18 2.74
N PHE A 220 20.06 -24.09 3.48
CA PHE A 220 18.96 -23.99 4.43
C PHE A 220 17.80 -23.05 4.02
N ASN A 221 17.59 -22.88 2.70
CA ASN A 221 16.39 -22.18 2.21
C ASN A 221 15.13 -22.92 2.69
N PRO A 222 14.03 -22.24 2.98
CA PRO A 222 13.87 -20.81 2.89
C PRO A 222 14.49 -20.15 4.11
N ILE A 223 15.07 -18.98 3.93
CA ILE A 223 15.73 -18.27 5.05
C ILE A 223 14.75 -17.41 5.88
N LEU A 224 13.50 -17.24 5.44
CA LEU A 224 12.48 -16.59 6.24
C LEU A 224 11.12 -17.06 5.79
N THR A 225 10.36 -17.69 6.69
CA THR A 225 8.96 -18.02 6.40
C THR A 225 8.19 -18.36 7.67
N HIS A 226 6.90 -18.07 7.63
CA HIS A 226 5.94 -18.50 8.63
C HIS A 226 4.91 -19.48 8.03
N ARG A 227 5.22 -20.04 6.87
CA ARG A 227 4.35 -21.03 6.29
C ARG A 227 4.27 -22.23 7.28
N SER A 228 3.10 -22.89 7.32
CA SER A 228 2.88 -24.05 8.20
C SER A 228 3.03 -23.73 9.70
N THR A 229 2.82 -22.47 10.08
CA THR A 229 2.81 -22.04 11.49
C THR A 229 1.49 -21.36 11.79
N ASN A 230 1.21 -21.18 13.07
CA ASN A 230 0.05 -20.40 13.51
C ASN A 230 0.49 -19.06 14.12
N HIS A 231 1.63 -18.55 13.73
CA HIS A 231 2.15 -17.28 14.25
C HIS A 231 1.17 -16.13 13.91
N PRO A 232 1.08 -15.08 14.77
CA PRO A 232 0.15 -13.97 14.44
C PRO A 232 0.55 -13.13 13.21
N LEU A 233 1.81 -13.25 12.81
CA LEU A 233 2.29 -12.64 11.58
C LEU A 233 2.42 -13.72 10.53
N GLN A 234 1.77 -13.47 9.39
CA GLN A 234 1.69 -14.45 8.32
C GLN A 234 2.15 -13.83 7.02
N ALA A 235 2.30 -14.68 6.03
CA ALA A 235 2.56 -14.26 4.66
C ALA A 235 3.81 -13.39 4.54
N ILE A 236 4.88 -13.79 5.23
CA ILE A 236 6.06 -12.96 5.28
C ILE A 236 7.01 -13.16 4.12
N GLY A 237 7.44 -12.04 3.53
CA GLY A 237 8.41 -12.05 2.47
C GLY A 237 8.46 -10.74 1.71
N HIS A 238 9.03 -10.81 0.52
CA HIS A 238 9.38 -9.63 -0.26
C HIS A 238 10.35 -8.74 0.53
N ALA A 239 11.53 -9.30 0.79
CA ALA A 239 12.54 -8.66 1.61
C ALA A 239 13.49 -7.79 0.78
N ASP A 240 14.07 -6.79 1.44
CA ASP A 240 15.13 -5.96 0.90
C ASP A 240 16.09 -5.73 2.10
N ILE A 241 17.38 -5.90 1.83
CA ILE A 241 18.46 -5.89 2.80
C ILE A 241 19.13 -4.50 2.84
N VAL A 242 19.57 -4.09 4.03
CA VAL A 242 20.26 -2.83 4.22
C VAL A 242 21.34 -3.10 5.24
N GLN A 243 22.45 -2.37 5.14
CA GLN A 243 23.46 -2.38 6.17
C GLN A 243 23.35 -1.06 6.92
N TYR A 244 22.98 -1.11 8.21
CA TYR A 244 22.94 0.10 9.04
C TYR A 244 24.39 0.70 9.18
N HIS A 245 24.45 1.98 9.48
CA HIS A 245 25.74 2.70 9.53
C HIS A 245 26.64 2.31 10.73
N ASP A 246 26.14 1.53 11.68
CA ASP A 246 26.97 0.91 12.71
C ASP A 246 27.52 -0.42 12.24
N GLY A 247 27.27 -0.82 10.99
CA GLY A 247 27.85 -2.04 10.44
C GLY A 247 26.94 -3.28 10.44
N SER A 248 25.91 -3.31 11.30
CA SER A 248 24.96 -4.42 11.40
C SER A 248 23.99 -4.50 10.20
N TRP A 249 23.48 -5.70 9.93
CA TRP A 249 22.63 -5.97 8.75
C TRP A 249 21.16 -6.22 9.11
N TRP A 250 20.26 -5.73 8.27
CA TRP A 250 18.82 -5.81 8.54
C TRP A 250 18.09 -6.08 7.23
N ALA A 251 16.87 -6.62 7.34
CA ALA A 251 15.93 -6.72 6.21
C ALA A 251 14.63 -6.09 6.57
N VAL A 252 14.02 -5.42 5.60
CA VAL A 252 12.61 -5.07 5.66
C VAL A 252 11.88 -6.04 4.74
N PHE A 253 10.59 -6.24 5.02
CA PHE A 253 9.76 -7.23 4.34
C PHE A 253 8.34 -6.99 4.79
N HIS A 254 7.36 -7.60 4.13
CA HIS A 254 5.97 -7.40 4.55
C HIS A 254 5.40 -8.64 5.24
N GLY A 255 4.34 -8.42 6.01
CA GLY A 255 3.56 -9.51 6.60
C GLY A 255 2.15 -9.08 6.97
N THR A 256 1.29 -10.03 7.29
CA THR A 256 -0.09 -9.71 7.61
C THR A 256 -0.32 -10.01 9.07
N ARG A 257 -1.37 -9.41 9.62
CA ARG A 257 -1.89 -9.73 10.95
C ARG A 257 -3.33 -10.30 10.82
N PRO A 258 -3.47 -11.60 10.46
CA PRO A 258 -4.82 -12.13 10.26
C PRO A 258 -5.53 -12.43 11.56
N ILE A 259 -6.86 -12.42 11.50
CA ILE A 259 -7.70 -12.77 12.63
C ILE A 259 -8.69 -13.85 12.18
N SER A 260 -9.45 -14.40 13.12
CA SER A 260 -10.51 -15.38 12.79
C SER A 260 -9.88 -16.71 12.35
N TYR A 261 -10.73 -17.65 11.97
CA TYR A 261 -10.29 -18.95 11.45
C TYR A 261 -11.31 -19.38 10.40
N PRO A 262 -10.90 -19.71 9.18
CA PRO A 262 -9.56 -19.56 8.70
C PRO A 262 -9.07 -18.11 8.76
N PRO A 263 -7.74 -17.93 8.78
CA PRO A 263 -7.13 -16.63 8.90
C PRO A 263 -7.56 -15.66 7.79
N LYS A 264 -7.96 -14.46 8.21
CA LYS A 264 -8.40 -13.37 7.33
C LYS A 264 -7.77 -12.03 7.77
N HIS A 265 -7.29 -11.23 6.81
CA HIS A 265 -6.64 -9.93 7.14
C HIS A 265 -7.26 -8.77 6.39
N HIS A 266 -7.47 -7.66 7.11
CA HIS A 266 -8.08 -6.43 6.59
C HIS A 266 -7.23 -5.13 6.68
N LEU A 267 -6.07 -5.17 7.33
CA LEU A 267 -5.15 -4.01 7.39
C LEU A 267 -4.09 -4.06 6.29
N GLY A 268 -4.23 -4.96 5.31
CA GLY A 268 -3.23 -5.14 4.26
C GLY A 268 -1.98 -5.83 4.75
N ARG A 269 -0.98 -5.80 3.89
CA ARG A 269 0.36 -6.28 4.18
C ARG A 269 1.12 -5.06 4.67
N GLU A 270 1.84 -5.28 5.76
CA GLU A 270 2.37 -4.23 6.61
C GLU A 270 3.87 -4.47 6.63
N THR A 271 4.63 -3.40 6.79
CA THR A 271 6.08 -3.45 6.64
C THR A 271 6.69 -3.83 7.98
N CYS A 272 7.56 -4.86 7.96
CA CYS A 272 8.21 -5.40 9.16
C CYS A 272 9.74 -5.31 9.04
N LEU A 273 10.42 -5.54 10.16
CA LEU A 273 11.88 -5.48 10.26
C LEU A 273 12.43 -6.66 11.05
N ALA A 274 13.60 -7.14 10.61
CA ALA A 274 14.32 -8.18 11.30
C ALA A 274 15.82 -8.08 11.05
N PRO A 275 16.63 -8.51 12.04
CA PRO A 275 18.08 -8.52 11.85
C PRO A 275 18.56 -9.68 10.99
N ILE A 276 19.74 -9.52 10.41
CA ILE A 276 20.44 -10.53 9.65
C ILE A 276 21.78 -10.81 10.34
N LYS A 277 22.15 -12.09 10.42
CA LYS A 277 23.51 -12.51 10.72
C LYS A 277 24.04 -13.31 9.55
N TRP A 278 25.34 -13.19 9.32
CA TRP A 278 26.01 -13.93 8.26
C TRP A 278 26.69 -15.16 8.87
N THR A 279 26.45 -16.33 8.29
CA THR A 279 27.10 -17.54 8.75
C THR A 279 28.59 -17.49 8.39
N ASP A 280 29.37 -18.35 9.04
CA ASP A 280 30.79 -18.55 8.71
C ASP A 280 30.98 -19.07 7.28
N ASP A 281 30.09 -19.92 6.79
CA ASP A 281 30.17 -20.38 5.38
C ASP A 281 29.54 -19.39 4.37
N GLY A 282 29.14 -18.20 4.84
CA GLY A 282 28.84 -17.08 3.96
C GLY A 282 27.41 -17.02 3.44
N TRP A 283 26.44 -17.27 4.33
CA TRP A 283 24.99 -17.18 4.02
C TRP A 283 24.28 -16.31 5.04
N PRO A 284 23.29 -15.51 4.60
CA PRO A 284 22.54 -14.73 5.54
C PRO A 284 21.40 -15.53 6.23
N ILE A 285 21.21 -15.24 7.51
CA ILE A 285 20.10 -15.80 8.30
C ILE A 285 19.28 -14.60 8.78
N ILE A 286 17.99 -14.60 8.55
CA ILE A 286 17.11 -13.51 9.00
C ILE A 286 16.38 -13.91 10.27
N GLY A 287 16.33 -13.01 11.25
CA GLY A 287 15.56 -13.23 12.47
C GLY A 287 16.08 -14.39 13.32
N TYR A 288 15.17 -15.07 14.03
CA TYR A 288 15.52 -16.22 14.87
C TYR A 288 15.48 -17.47 13.99
N ASN A 289 16.56 -17.66 13.26
CA ASN A 289 16.68 -18.81 12.38
C ASN A 289 15.49 -19.01 11.39
N GLY A 290 15.08 -17.94 10.73
CA GLY A 290 14.07 -18.02 9.68
C GLY A 290 12.66 -17.70 10.16
N ARG A 291 12.53 -17.35 11.43
CA ARG A 291 11.26 -16.88 11.99
C ARG A 291 11.44 -15.56 12.76
N ILE A 292 10.37 -14.77 12.78
CA ILE A 292 10.39 -13.46 13.37
C ILE A 292 9.21 -13.32 14.31
N ASP A 293 9.12 -12.19 15.00
CA ASP A 293 8.04 -11.93 15.97
C ASP A 293 7.51 -10.54 15.95
N ILE A 294 6.40 -10.39 16.69
CA ILE A 294 5.80 -9.10 16.96
C ILE A 294 6.76 -8.26 17.78
N LYS A 295 7.31 -8.81 18.85
CA LYS A 295 8.32 -8.12 19.67
C LYS A 295 9.71 -8.60 19.33
N MET A 296 10.61 -7.67 19.00
CA MET A 296 11.96 -8.03 18.55
C MET A 296 13.01 -7.29 19.36
N ASP A 297 14.19 -7.88 19.45
CA ASP A 297 15.33 -7.23 20.03
C ASP A 297 15.88 -6.19 19.00
N ALA A 298 16.13 -4.98 19.48
CA ALA A 298 16.54 -3.87 18.60
C ALA A 298 18.04 -3.85 18.26
N GLY A 299 18.81 -4.82 18.75
CA GLY A 299 20.26 -4.77 18.63
C GLY A 299 20.83 -3.47 19.19
N TYR A 300 21.65 -2.78 18.40
CA TYR A 300 22.15 -1.46 18.80
C TYR A 300 21.41 -0.28 18.19
N LEU A 301 20.27 -0.53 17.54
CA LEU A 301 19.54 0.54 16.89
C LEU A 301 19.03 1.53 17.96
N PRO A 302 19.22 2.83 17.73
CA PRO A 302 18.74 3.82 18.68
C PRO A 302 17.22 3.91 18.68
N VAL A 303 16.61 3.45 19.76
CA VAL A 303 15.15 3.39 19.88
C VAL A 303 14.56 4.66 20.47
N LYS A 304 13.33 4.97 20.07
CA LYS A 304 12.57 6.12 20.58
C LYS A 304 11.37 5.68 21.42
N GLU A 311 -0.06 9.69 17.54
CA GLU A 311 -0.77 9.07 16.44
C GLU A 311 -2.22 9.57 16.17
N ILE A 312 -2.71 10.52 16.96
CA ILE A 312 -4.01 11.19 16.69
C ILE A 312 -3.92 12.10 15.46
N ILE A 313 -4.75 11.86 14.43
CA ILE A 313 -4.72 12.66 13.20
C ILE A 313 -6.05 13.40 12.98
N GLU A 314 -5.95 14.71 12.84
CA GLU A 314 -7.11 15.59 12.77
C GLU A 314 -6.86 16.56 11.62
N ASP A 315 -7.75 16.55 10.62
CA ASP A 315 -7.66 17.41 9.47
C ASP A 315 -8.90 18.30 9.44
N ASP A 316 -8.71 19.60 9.57
CA ASP A 316 -9.86 20.52 9.51
C ASP A 316 -10.05 21.17 8.16
N PHE A 317 -9.26 20.73 7.16
CA PHE A 317 -9.36 21.21 5.78
C PHE A 317 -9.18 22.72 5.63
N ASN A 318 -8.41 23.34 6.52
CA ASN A 318 -8.10 24.80 6.45
C ASN A 318 -7.05 25.05 5.39
N SER A 319 -6.04 24.20 5.32
CA SER A 319 -5.06 24.26 4.23
C SER A 319 -5.69 24.03 2.84
N ASP A 320 -5.02 24.55 1.80
CA ASP A 320 -5.43 24.33 0.42
C ASP A 320 -4.56 23.28 -0.30
N ILE A 321 -3.67 22.64 0.46
CA ILE A 321 -2.94 21.44 0.04
C ILE A 321 -3.55 20.29 0.83
N PHE A 322 -3.79 19.15 0.17
CA PHE A 322 -4.22 17.93 0.84
C PHE A 322 -3.07 17.33 1.63
N SER A 323 -3.35 16.79 2.82
CA SER A 323 -2.32 16.13 3.59
C SER A 323 -1.87 14.85 2.86
N THR A 324 -0.75 14.29 3.30
CA THR A 324 -0.21 13.07 2.71
C THR A 324 -0.97 11.81 3.15
N ASP A 325 -1.95 11.94 4.05
CA ASP A 325 -2.83 10.82 4.37
C ASP A 325 -3.79 10.45 3.25
N TRP A 326 -4.20 11.42 2.43
CA TRP A 326 -5.31 11.23 1.51
C TRP A 326 -4.90 10.57 0.18
N ASN A 327 -5.69 9.59 -0.25
CA ASN A 327 -5.61 9.02 -1.57
C ASN A 327 -6.97 9.06 -2.25
N PHE A 328 -6.93 9.02 -3.56
CA PHE A 328 -8.12 8.89 -4.42
C PHE A 328 -8.10 7.51 -5.10
N ILE A 329 -9.24 7.12 -5.62
CA ILE A 329 -9.39 5.89 -6.38
C ILE A 329 -9.14 6.25 -7.83
N GLN A 330 -7.97 5.82 -8.30
CA GLN A 330 -7.41 6.24 -9.59
C GLN A 330 -7.09 7.76 -9.58
N ASN A 331 -6.88 8.32 -10.76
CA ASN A 331 -6.54 9.75 -10.92
C ASN A 331 -7.75 10.56 -10.48
N PRO A 332 -7.59 11.51 -9.57
CA PRO A 332 -8.80 12.30 -9.24
C PRO A 332 -9.30 13.16 -10.43
N ARG A 333 -10.61 13.26 -10.55
CA ARG A 333 -11.20 14.29 -11.41
C ARG A 333 -11.14 15.59 -10.58
N LEU A 334 -10.16 16.44 -10.89
CA LEU A 334 -9.74 17.51 -9.94
C LEU A 334 -10.82 18.57 -9.65
N GLU A 335 -11.63 18.84 -10.66
CA GLU A 335 -12.81 19.72 -10.59
C GLU A 335 -13.90 19.27 -9.60
N HIS A 336 -13.85 18.02 -9.16
CA HIS A 336 -14.88 17.50 -8.29
C HIS A 336 -14.48 17.57 -6.81
N TYR A 337 -13.32 18.14 -6.52
CA TYR A 337 -12.86 18.38 -5.15
C TYR A 337 -12.41 19.84 -5.10
N SER A 338 -12.73 20.53 -4.01
CA SER A 338 -12.20 21.88 -3.78
C SER A 338 -12.08 22.20 -2.30
N LEU A 339 -10.90 22.68 -1.93
CA LEU A 339 -10.61 23.31 -0.64
C LEU A 339 -10.78 24.83 -0.63
N LYS A 340 -11.04 25.43 -1.79
CA LYS A 340 -11.15 26.89 -1.92
C LYS A 340 -12.58 27.39 -2.16
N GLY A 341 -13.45 26.59 -2.78
CA GLY A 341 -14.83 27.03 -3.07
C GLY A 341 -15.63 27.44 -1.84
N ARG A 342 -15.48 26.66 -0.76
CA ARG A 342 -15.90 27.06 0.57
C ARG A 342 -14.73 26.93 1.53
N PRO A 343 -14.03 28.06 1.76
CA PRO A 343 -12.87 28.05 2.66
C PRO A 343 -13.17 27.35 3.97
N SER A 344 -12.24 26.47 4.36
CA SER A 344 -12.26 25.73 5.60
C SER A 344 -13.10 24.41 5.56
N TRP A 345 -13.60 24.05 4.37
CA TRP A 345 -14.31 22.80 4.15
C TRP A 345 -13.76 22.13 2.93
N LEU A 346 -13.95 20.82 2.83
CA LEU A 346 -13.71 20.13 1.57
C LEU A 346 -15.05 19.99 0.87
N LYS A 347 -15.15 20.59 -0.32
CA LYS A 347 -16.31 20.44 -1.16
C LYS A 347 -16.09 19.28 -2.13
N MET A 348 -17.11 18.43 -2.25
CA MET A 348 -17.07 17.27 -3.12
C MET A 348 -18.29 17.23 -3.99
N ARG A 349 -18.07 17.01 -5.30
CA ARG A 349 -19.16 16.83 -6.28
C ARG A 349 -19.28 15.37 -6.74
N GLY A 350 -20.35 14.72 -6.28
CA GLY A 350 -20.60 13.32 -6.63
C GLY A 350 -21.01 13.22 -8.10
N THR A 351 -20.53 12.17 -8.76
CA THR A 351 -20.93 11.87 -10.14
C THR A 351 -21.89 10.68 -10.20
N GLU A 352 -22.22 10.29 -11.43
CA GLU A 352 -22.97 9.05 -11.70
C GLU A 352 -22.31 7.80 -11.09
N LYS A 353 -20.98 7.85 -10.94
CA LYS A 353 -20.22 6.74 -10.39
C LYS A 353 -20.42 6.58 -8.90
N THR A 354 -20.53 5.33 -8.46
CA THR A 354 -20.68 4.96 -7.03
C THR A 354 -19.43 4.24 -6.51
N LEU A 355 -19.45 3.89 -5.23
CA LEU A 355 -18.42 3.02 -4.66
C LEU A 355 -18.40 1.58 -5.25
N ASN A 356 -19.49 1.18 -5.90
CA ASN A 356 -19.52 -0.06 -6.69
C ASN A 356 -18.78 0.02 -8.03
N ASP A 357 -18.41 1.21 -8.51
CA ASP A 357 -17.81 1.37 -9.84
C ASP A 357 -16.31 1.56 -9.68
N ILE A 358 -15.54 0.95 -10.58
CA ILE A 358 -14.09 1.09 -10.48
C ILE A 358 -13.53 2.41 -10.99
N ASN A 359 -14.18 3.02 -12.00
CA ASN A 359 -13.57 4.16 -12.68
C ASN A 359 -13.98 5.51 -12.06
N SER A 360 -13.07 6.10 -11.32
CA SER A 360 -13.13 7.47 -10.80
C SER A 360 -14.42 7.94 -10.07
N PRO A 361 -14.82 7.18 -9.04
CA PRO A 361 -15.85 7.67 -8.17
C PRO A 361 -15.29 8.79 -7.30
N THR A 362 -16.18 9.72 -6.91
CA THR A 362 -15.78 10.82 -6.06
C THR A 362 -15.59 10.34 -4.61
N PHE A 363 -14.33 10.30 -4.19
CA PHE A 363 -13.91 9.64 -2.98
C PHE A 363 -12.57 10.17 -2.65
N ILE A 364 -12.33 10.41 -1.36
CA ILE A 364 -10.97 10.68 -0.82
C ILE A 364 -10.83 9.84 0.42
N GLY A 365 -9.70 9.14 0.57
CA GLY A 365 -9.58 8.18 1.68
C GLY A 365 -8.21 8.06 2.32
N ARG A 366 -8.18 7.47 3.50
CA ARG A 366 -6.91 7.18 4.19
C ARG A 366 -6.93 5.77 4.77
N ARG A 367 -5.75 5.16 4.89
CA ARG A 367 -5.64 3.76 5.31
C ARG A 367 -6.08 3.54 6.78
N GLN A 368 -6.74 2.40 7.03
CA GLN A 368 -6.87 1.90 8.39
C GLN A 368 -5.53 1.33 8.79
N GLU A 369 -4.90 1.92 9.82
CA GLU A 369 -3.56 1.52 10.27
C GLU A 369 -3.50 0.87 11.66
N HIS A 370 -4.67 0.63 12.23
CA HIS A 370 -4.84 0.09 13.59
C HIS A 370 -6.15 -0.74 13.61
N PHE A 371 -6.14 -1.87 14.32
CA PHE A 371 -7.35 -2.67 14.52
C PHE A 371 -8.41 -1.90 15.30
N VAL A 372 -7.95 -1.17 16.33
CA VAL A 372 -8.84 -0.43 17.22
C VAL A 372 -8.65 1.07 17.01
N CYS A 373 -9.70 1.71 16.52
CA CYS A 373 -9.68 3.16 16.22
C CYS A 373 -11.09 3.75 16.04
N ASN A 374 -11.20 5.06 16.21
CA ASN A 374 -12.45 5.77 16.02
C ASN A 374 -12.25 6.82 14.96
N VAL A 375 -13.10 6.79 13.93
CA VAL A 375 -12.93 7.66 12.75
C VAL A 375 -14.22 8.45 12.62
N SER A 376 -14.11 9.74 12.38
CA SER A 376 -15.31 10.59 12.29
C SER A 376 -15.12 11.76 11.32
N THR A 377 -16.25 12.28 10.86
CA THR A 377 -16.27 13.43 9.99
C THR A 377 -17.55 14.19 10.22
N LEU A 378 -17.55 15.46 9.82
CA LEU A 378 -18.80 16.25 9.83
C LEU A 378 -19.12 16.63 8.42
N LEU A 379 -20.35 16.30 8.02
CA LEU A 379 -20.86 16.59 6.66
C LEU A 379 -22.01 17.59 6.67
N GLU A 380 -21.96 18.57 5.76
CA GLU A 380 -23.13 19.31 5.37
C GLU A 380 -23.59 18.80 4.01
N PHE A 381 -24.85 18.39 3.92
CA PHE A 381 -25.40 17.80 2.71
C PHE A 381 -26.91 17.92 2.76
N LYS A 382 -27.50 18.51 1.73
CA LYS A 382 -28.97 18.52 1.60
C LYS A 382 -29.34 18.08 0.21
N PRO A 383 -29.56 16.78 0.06
CA PRO A 383 -29.77 16.21 -1.26
C PRO A 383 -31.09 16.69 -1.90
N ASN A 384 -31.06 16.96 -3.19
CA ASN A 384 -32.24 17.48 -3.90
C ASN A 384 -33.16 16.39 -4.45
N GLN A 385 -32.60 15.20 -4.71
CA GLN A 385 -33.29 14.08 -5.36
C GLN A 385 -32.96 12.76 -4.64
N ASP A 386 -33.73 11.72 -4.91
CA ASP A 386 -33.61 10.47 -4.14
C ASP A 386 -32.35 9.66 -4.40
N ASN A 387 -31.72 9.84 -5.55
CA ASN A 387 -30.47 9.13 -5.86
C ASN A 387 -29.24 9.70 -5.13
N GLU A 388 -29.37 10.89 -4.54
CA GLU A 388 -28.21 11.67 -4.12
C GLU A 388 -27.78 11.25 -2.70
N GLU A 389 -26.47 11.07 -2.54
CA GLU A 389 -25.89 10.40 -1.37
C GLU A 389 -24.45 10.89 -1.09
N ALA A 390 -24.16 11.16 0.18
CA ALA A 390 -22.80 11.48 0.60
C ALA A 390 -22.57 10.96 2.01
N GLY A 391 -21.35 10.54 2.28
CA GLY A 391 -21.08 9.95 3.58
C GLY A 391 -19.65 9.49 3.80
N LEU A 392 -19.54 8.54 4.72
CA LEU A 392 -18.27 8.02 5.24
C LEU A 392 -18.29 6.54 4.98
N THR A 393 -17.24 6.03 4.31
CA THR A 393 -17.13 4.64 3.91
C THR A 393 -15.93 3.92 4.55
N VAL A 394 -16.13 2.64 4.87
CA VAL A 394 -15.06 1.67 5.17
C VAL A 394 -14.93 0.82 3.92
N TYR A 395 -13.85 0.98 3.16
CA TYR A 395 -13.75 0.51 1.77
C TYR A 395 -12.55 -0.39 1.52
N MET A 396 -12.79 -1.56 0.92
CA MET A 396 -11.70 -2.46 0.53
C MET A 396 -11.59 -2.42 -0.96
N ASN A 397 -12.70 -2.74 -1.64
CA ASN A 397 -12.75 -2.59 -3.08
C ASN A 397 -14.19 -2.40 -3.55
N GLU A 398 -14.39 -2.36 -4.86
CA GLU A 398 -15.71 -2.02 -5.43
C GLU A 398 -16.88 -2.99 -5.05
N LYS A 399 -16.53 -4.21 -4.67
CA LYS A 399 -17.52 -5.18 -4.19
C LYS A 399 -17.49 -5.39 -2.71
N HIS A 400 -16.66 -4.63 -1.97
CA HIS A 400 -16.54 -4.83 -0.53
C HIS A 400 -16.35 -3.50 0.20
N HIS A 401 -17.47 -2.92 0.62
CA HIS A 401 -17.44 -1.66 1.32
C HIS A 401 -18.73 -1.46 2.11
N TYR A 402 -18.60 -0.82 3.26
CA TYR A 402 -19.68 -0.38 4.12
C TYR A 402 -19.73 1.16 4.14
N GLU A 403 -20.92 1.73 4.30
CA GLU A 403 -21.01 3.17 4.38
C GLU A 403 -22.20 3.67 5.16
N ILE A 404 -21.98 4.76 5.89
CA ILE A 404 -23.05 5.50 6.58
C ILE A 404 -23.11 6.84 5.85
N ALA A 405 -24.32 7.29 5.50
CA ALA A 405 -24.49 8.44 4.59
C ALA A 405 -25.85 9.14 4.80
N LEU A 406 -25.93 10.38 4.30
CA LEU A 406 -27.20 11.06 4.15
C LEU A 406 -27.62 10.83 2.74
N THR A 407 -28.91 10.54 2.58
CA THR A 407 -29.54 10.48 1.28
C THR A 407 -30.99 10.89 1.43
N LYS A 408 -31.75 10.70 0.36
CA LYS A 408 -33.15 11.05 0.31
C LYS A 408 -33.96 9.86 -0.24
N LYS A 409 -35.10 9.57 0.37
CA LYS A 409 -36.00 8.53 -0.13
C LYS A 409 -37.46 9.00 -0.05
N ASN A 410 -38.14 8.90 -1.19
CA ASN A 410 -39.47 9.48 -1.38
C ASN A 410 -39.62 10.82 -0.72
N GLY A 411 -38.73 11.72 -1.12
CA GLY A 411 -38.78 13.10 -0.68
C GLY A 411 -38.60 13.32 0.81
N ARG A 412 -37.86 12.43 1.49
CA ARG A 412 -37.44 12.66 2.86
C ARG A 412 -35.97 12.31 3.02
N ILE A 413 -35.33 13.08 3.89
CA ILE A 413 -33.93 12.94 4.19
C ILE A 413 -33.77 11.83 5.21
N ASN A 414 -32.91 10.87 4.89
CA ASN A 414 -32.61 9.76 5.79
C ASN A 414 -31.11 9.60 5.93
N VAL A 415 -30.69 9.15 7.12
CA VAL A 415 -29.36 8.63 7.31
C VAL A 415 -29.46 7.08 7.14
N VAL A 416 -28.50 6.51 6.42
CA VAL A 416 -28.51 5.10 6.06
C VAL A 416 -27.16 4.43 6.37
N LEU A 417 -27.25 3.13 6.70
CA LEU A 417 -26.11 2.21 6.70
C LEU A 417 -26.35 1.28 5.54
N LYS A 418 -25.42 1.27 4.60
CA LYS A 418 -25.49 0.44 3.37
C LYS A 418 -24.22 -0.40 3.30
N LYS A 419 -24.33 -1.60 2.71
CA LYS A 419 -23.19 -2.51 2.50
C LYS A 419 -23.24 -3.11 1.12
N THR A 420 -22.06 -3.24 0.51
CA THR A 420 -21.83 -4.04 -0.66
C THR A 420 -20.84 -5.14 -0.24
N VAL A 421 -21.29 -6.40 -0.29
CA VAL A 421 -20.45 -7.57 -0.01
C VAL A 421 -20.62 -8.58 -1.14
N GLY A 422 -19.61 -8.70 -1.99
CA GLY A 422 -19.75 -9.45 -3.26
C GLY A 422 -20.87 -8.89 -4.11
N ASP A 423 -21.85 -9.73 -4.41
CA ASP A 423 -23.02 -9.38 -5.20
C ASP A 423 -24.16 -8.79 -4.35
N ILE A 424 -24.04 -8.83 -3.02
CA ILE A 424 -25.07 -8.33 -2.13
C ILE A 424 -24.91 -6.81 -1.95
N GLN A 425 -25.98 -6.10 -2.25
CA GLN A 425 -26.13 -4.66 -2.01
C GLN A 425 -27.38 -4.46 -1.18
N VAL A 426 -27.19 -4.02 0.05
CA VAL A 426 -28.26 -3.92 1.03
C VAL A 426 -28.23 -2.63 1.83
N VAL A 427 -29.41 -2.07 2.05
CA VAL A 427 -29.61 -0.99 2.98
C VAL A 427 -29.96 -1.65 4.31
N VAL A 428 -29.02 -1.63 5.27
CA VAL A 428 -29.17 -2.35 6.54
C VAL A 428 -30.11 -1.62 7.52
N ASN A 429 -30.08 -0.28 7.54
CA ASN A 429 -30.95 0.48 8.44
C ASN A 429 -31.10 1.88 7.86
N SER A 430 -32.18 2.53 8.26
CA SER A 430 -32.56 3.82 7.69
C SER A 430 -33.34 4.57 8.77
N LEU A 431 -32.96 5.84 8.99
CA LEU A 431 -33.67 6.70 9.93
C LEU A 431 -33.83 8.11 9.33
N GLU A 432 -35.00 8.71 9.54
CA GLU A 432 -35.25 10.05 9.09
C GLU A 432 -34.36 11.05 9.83
N TYR A 433 -33.87 12.04 9.12
CA TYR A 433 -32.96 12.99 9.71
C TYR A 433 -33.40 14.37 9.34
N PHE A 434 -33.26 15.33 10.25
CA PHE A 434 -33.84 16.68 10.11
C PHE A 434 -32.87 17.88 10.11
N SER A 435 -31.57 17.65 10.25
CA SER A 435 -30.55 18.76 10.31
C SER A 435 -29.74 18.87 9.03
N ASN A 436 -29.21 20.06 8.78
CA ASN A 436 -28.35 20.31 7.60
C ASN A 436 -26.96 19.66 7.70
N THR A 437 -26.45 19.49 8.92
CA THR A 437 -25.16 18.80 9.12
C THR A 437 -25.36 17.58 10.00
N ILE A 438 -24.35 16.72 9.95
CA ILE A 438 -24.34 15.44 10.70
C ILE A 438 -22.89 15.05 10.92
N ILE A 439 -22.64 14.39 12.03
CA ILE A 439 -21.34 13.81 12.28
C ILE A 439 -21.53 12.30 12.14
N PHE A 440 -20.69 11.68 11.33
CA PHE A 440 -20.59 10.23 11.28
C PHE A 440 -19.39 9.81 12.08
N SER A 441 -19.54 8.67 12.73
CA SER A 441 -18.59 8.21 13.70
C SER A 441 -18.51 6.69 13.62
N ILE A 442 -17.32 6.13 13.38
CA ILE A 442 -17.14 4.68 13.29
C ILE A 442 -16.12 4.18 14.32
N GLN A 443 -16.54 3.27 15.19
CA GLN A 443 -15.62 2.63 16.11
C GLN A 443 -15.22 1.29 15.49
N ALA A 444 -13.91 1.10 15.32
CA ALA A 444 -13.36 -0.15 14.82
C ALA A 444 -12.74 -0.97 15.95
N ASN A 445 -13.00 -2.27 15.96
CA ASN A 445 -12.23 -3.22 16.76
C ASN A 445 -11.92 -4.41 15.83
N PRO A 446 -11.15 -5.41 16.29
CA PRO A 446 -10.75 -6.48 15.38
C PRO A 446 -11.90 -7.17 14.66
N GLU A 447 -13.04 -7.35 15.33
CA GLU A 447 -14.15 -8.11 14.72
C GLU A 447 -15.19 -7.31 13.98
N GLU A 448 -15.40 -6.05 14.34
CA GLU A 448 -16.50 -5.28 13.75
C GLU A 448 -16.30 -3.80 13.76
N TYR A 449 -17.07 -3.11 12.94
CA TYR A 449 -17.16 -1.67 12.87
C TYR A 449 -18.56 -1.31 13.42
N LYS A 450 -18.62 -0.33 14.32
CA LYS A 450 -19.91 0.23 14.83
C LYS A 450 -20.14 1.61 14.26
N PHE A 451 -21.27 1.77 13.57
CA PHE A 451 -21.61 2.95 12.82
C PHE A 451 -22.61 3.80 13.58
N SER A 452 -22.18 4.99 14.00
CA SER A 452 -23.07 5.93 14.69
C SER A 452 -23.18 7.27 13.97
N PHE A 453 -24.22 8.03 14.30
CA PHE A 453 -24.30 9.41 13.86
C PHE A 453 -24.68 10.31 15.02
N VAL A 454 -24.26 11.57 14.89
CA VAL A 454 -24.47 12.59 15.90
C VAL A 454 -25.15 13.77 15.25
N ASP A 455 -26.23 14.24 15.88
CA ASP A 455 -26.88 15.52 15.55
C ASP A 455 -26.04 16.64 16.19
N PRO A 456 -25.33 17.43 15.37
CA PRO A 456 -24.27 18.25 15.99
C PRO A 456 -24.70 19.26 17.04
N ASN A 457 -25.81 19.95 16.81
CA ASN A 457 -26.24 21.04 17.71
C ASN A 457 -26.73 20.47 19.05
N THR A 458 -27.33 19.28 19.06
CA THR A 458 -27.77 18.64 20.30
C THR A 458 -26.70 17.78 20.94
N GLY A 459 -25.79 17.26 20.12
CA GLY A 459 -24.81 16.30 20.60
C GLY A 459 -25.37 14.91 20.79
N GLN A 460 -26.64 14.67 20.46
CA GLN A 460 -27.20 13.32 20.63
C GLN A 460 -26.60 12.32 19.63
N THR A 461 -26.28 11.13 20.13
CA THR A 461 -25.64 10.08 19.33
C THR A 461 -26.58 8.87 19.18
N TYR A 462 -26.54 8.24 18.01
CA TYR A 462 -27.46 7.18 17.60
C TYR A 462 -26.66 6.06 16.89
N LEU A 463 -26.70 4.85 17.45
CA LEU A 463 -26.00 3.69 16.90
C LEU A 463 -26.89 3.20 15.75
N LEU A 464 -26.41 3.31 14.52
CA LEU A 464 -27.22 2.94 13.35
C LEU A 464 -27.13 1.45 13.01
N GLY A 465 -25.96 0.85 13.26
CA GLY A 465 -25.70 -0.56 12.98
C GLY A 465 -24.22 -0.93 13.10
N THR A 466 -23.91 -2.18 12.75
CA THR A 466 -22.57 -2.70 12.79
C THR A 466 -22.29 -3.49 11.54
N GLY A 467 -21.02 -3.86 11.37
CA GLY A 467 -20.57 -4.66 10.22
C GLY A 467 -19.28 -5.42 10.55
N LEU A 468 -19.17 -6.64 10.03
CA LEU A 468 -18.01 -7.48 10.28
C LEU A 468 -16.78 -7.08 9.47
N THR A 469 -15.63 -7.12 10.13
CA THR A 469 -14.34 -6.90 9.45
C THR A 469 -14.02 -7.98 8.45
N THR A 470 -14.43 -9.21 8.75
CA THR A 470 -13.98 -10.33 7.94
C THR A 470 -14.60 -10.34 6.54
N LEU A 471 -15.75 -9.70 6.37
CA LEU A 471 -16.35 -9.57 5.05
C LEU A 471 -15.71 -8.49 4.15
N LEU A 472 -14.81 -7.68 4.71
CA LEU A 472 -13.93 -6.79 3.94
C LEU A 472 -12.50 -7.30 3.78
N SER A 473 -12.18 -8.45 4.40
CA SER A 473 -10.84 -8.98 4.33
C SER A 473 -10.40 -9.24 2.89
N THR A 474 -9.10 -9.16 2.67
CA THR A 474 -8.53 -9.46 1.37
C THR A 474 -8.94 -10.88 0.90
N GLU A 475 -8.95 -11.85 1.82
CA GLU A 475 -9.34 -13.23 1.51
C GLU A 475 -10.71 -13.28 0.88
N VAL A 476 -11.64 -12.47 1.37
CA VAL A 476 -13.01 -12.42 0.85
C VAL A 476 -13.08 -11.58 -0.39
N ALA A 477 -12.43 -10.43 -0.37
CA ALA A 477 -12.66 -9.37 -1.34
C ALA A 477 -11.87 -9.50 -2.61
N GLY A 478 -10.70 -10.14 -2.53
CA GLY A 478 -9.77 -10.09 -3.66
C GLY A 478 -8.77 -8.93 -3.60
N GLY A 479 -7.77 -9.02 -4.46
CA GLY A 479 -6.80 -7.95 -4.64
C GLY A 479 -5.68 -8.03 -3.63
N PHE A 480 -5.00 -6.91 -3.47
CA PHE A 480 -3.72 -6.87 -2.77
C PHE A 480 -3.62 -5.69 -1.78
N THR A 481 -4.76 -5.23 -1.26
CA THR A 481 -4.79 -3.97 -0.49
C THR A 481 -5.39 -4.11 0.90
N GLY A 482 -5.46 -2.98 1.62
CA GLY A 482 -6.05 -2.91 2.94
C GLY A 482 -7.24 -1.94 2.95
N VAL A 483 -8.02 -2.00 4.01
CA VAL A 483 -9.17 -1.14 4.21
C VAL A 483 -8.74 0.34 4.30
N TYR A 484 -9.50 1.18 3.62
CA TYR A 484 -9.49 2.66 3.73
C TYR A 484 -10.76 3.19 4.42
N PHE A 485 -10.62 4.30 5.16
CA PHE A 485 -11.75 5.14 5.59
C PHE A 485 -11.85 6.32 4.62
N GLY A 486 -13.04 6.53 4.08
CA GLY A 486 -13.22 7.44 2.97
C GLY A 486 -14.45 8.33 3.05
N LEU A 487 -14.29 9.55 2.51
CA LEU A 487 -15.36 10.50 2.32
C LEU A 487 -15.71 10.44 0.83
N TYR A 488 -17.01 10.45 0.54
CA TYR A 488 -17.50 10.21 -0.83
C TYR A 488 -18.87 10.87 -1.03
N ALA A 489 -19.18 11.08 -2.30
CA ALA A 489 -20.48 11.53 -2.76
C ALA A 489 -20.83 10.85 -4.10
N THR A 490 -22.12 10.67 -4.33
CA THR A 490 -22.57 10.06 -5.58
C THR A 490 -24.03 10.41 -5.86
N GLY A 491 -24.37 10.35 -7.15
CA GLY A 491 -25.75 10.39 -7.56
C GLY A 491 -26.28 9.08 -8.09
N ASN A 492 -25.60 7.97 -7.85
CA ASN A 492 -26.21 6.65 -8.07
C ASN A 492 -26.79 6.51 -9.48
N GLY A 493 -25.97 6.74 -10.49
CA GLY A 493 -26.39 6.69 -11.89
C GLY A 493 -26.59 8.04 -12.55
N LYS A 494 -26.72 9.12 -11.76
CA LYS A 494 -26.86 10.50 -12.29
C LYS A 494 -25.84 11.35 -11.61
N VAL A 495 -25.51 12.50 -12.18
CA VAL A 495 -24.66 13.47 -11.48
C VAL A 495 -25.43 13.96 -10.25
N CYS A 496 -24.74 14.11 -9.14
CA CYS A 496 -25.33 14.59 -7.91
C CYS A 496 -25.47 16.10 -7.98
N THR A 497 -26.70 16.61 -8.01
CA THR A 497 -26.93 18.04 -8.15
C THR A 497 -26.62 18.78 -6.88
N ALA A 498 -26.51 18.11 -5.74
CA ALA A 498 -26.20 18.84 -4.50
C ALA A 498 -24.72 18.67 -4.15
N PRO A 499 -24.05 19.77 -3.76
CA PRO A 499 -22.68 19.64 -3.26
C PRO A 499 -22.61 19.01 -1.86
N ALA A 500 -21.49 18.37 -1.57
CA ALA A 500 -21.23 17.81 -0.25
C ALA A 500 -20.06 18.54 0.39
N PHE A 501 -20.21 18.96 1.63
CA PHE A 501 -19.11 19.70 2.26
C PHE A 501 -18.67 19.01 3.54
N PHE A 502 -17.38 18.69 3.65
CA PHE A 502 -16.87 18.06 4.86
C PHE A 502 -16.01 19.03 5.64
N ASP A 503 -16.37 19.24 6.91
CA ASP A 503 -15.74 20.29 7.72
C ASP A 503 -14.41 19.78 8.26
N TRP A 504 -14.33 18.49 8.58
CA TRP A 504 -13.13 17.92 9.18
C TRP A 504 -13.20 16.39 9.18
N PHE A 505 -12.08 15.79 9.48
CA PHE A 505 -11.95 14.36 9.60
C PHE A 505 -11.00 14.06 10.78
N LYS A 506 -11.38 13.16 11.68
CA LYS A 506 -10.54 12.75 12.84
C LYS A 506 -10.27 11.24 12.77
N TYR A 507 -9.01 10.86 12.99
CA TYR A 507 -8.57 9.44 13.09
C TYR A 507 -7.86 9.27 14.43
N ILE A 508 -8.48 8.52 15.34
CA ILE A 508 -8.05 8.44 16.73
C ILE A 508 -7.81 6.96 17.04
N PRO A 509 -6.55 6.52 16.91
CA PRO A 509 -6.22 5.11 17.24
C PRO A 509 -6.26 4.89 18.76
N GLU A 510 -6.51 3.66 19.20
CA GLU A 510 -6.59 3.37 20.66
C GLU A 510 -5.25 3.58 21.37
CA CA B . -13.05 22.88 8.66
O5 FUB C . 2.03 -6.83 -4.02
C5 FUB C . 1.86 -7.11 -5.45
C4 FUB C . 2.76 -8.25 -5.88
O4 FUB C . 2.63 -9.34 -4.95
C3 FUB C . 4.22 -7.88 -5.89
O3 FUB C . 4.59 -7.18 -7.08
C2 FUB C . 4.85 -9.25 -5.64
O2 FUB C . 6.21 -9.26 -5.22
C1 FUB C . 3.93 -9.83 -4.59
O1 FUB C . 4.28 -9.40 -3.26
#